data_3STW
#
_entry.id   3STW
#
_cell.length_a   48.532
_cell.length_b   106.915
_cell.length_c   60.097
_cell.angle_alpha   90.000
_cell.angle_beta   96.520
_cell.angle_gamma   90.000
#
_symmetry.space_group_name_H-M   'P 1 21 1'
#
loop_
_entity.id
_entity.type
_entity.pdbx_description
1 polymer 'Methylketone synthase 1'
2 non-polymer tridec-12-en-2-one
3 water water
#
_entity_poly.entity_id   1
_entity_poly.type   'polypeptide(L)'
_entity_poly.pdbx_seq_one_letter_code
;GSMEKSMSPFVKKHFVLVHTAFHGAWCWYKIVALMRSSGHNVTALDLGASGINPKQALQIPNFSDYLSPLMEFMASLPAN
EKIILVGHALGGLAISKAMETFPEKISVAVFLSGLMPGPNIDATTVCTKAGSAVLGQLDNCVTYENGPTNPPTTLIAGPK
FLATNVYHLSPIEDLALATALVRPLYLYLAEDISKEVVLSSKRYGSVKRVFIVATENDALKKEFLKLMIEKNPPDEVKEI
EGSDHVTMMSKPQQLFTTLLSIANKYK
;
_entity_poly.pdbx_strand_id   A,B
#
# COMPACT_ATOMS: atom_id res chain seq x y z
N PHE A 10 -30.37 -7.97 -12.08
CA PHE A 10 -29.10 -7.40 -11.55
C PHE A 10 -29.13 -5.88 -11.47
N VAL A 11 -29.15 -5.37 -10.24
CA VAL A 11 -29.16 -3.93 -10.01
C VAL A 11 -27.77 -3.50 -9.55
N LYS A 12 -27.14 -2.62 -10.32
CA LYS A 12 -25.81 -2.14 -9.99
C LYS A 12 -25.90 -1.40 -8.66
N LYS A 13 -24.86 -1.52 -7.84
CA LYS A 13 -24.84 -0.86 -6.54
C LYS A 13 -23.50 -0.18 -6.28
N HIS A 14 -23.48 0.66 -5.26
CA HIS A 14 -22.26 1.39 -4.90
C HIS A 14 -21.85 1.14 -3.45
N PHE A 15 -20.76 0.39 -3.28
CA PHE A 15 -20.22 0.07 -1.96
C PHE A 15 -19.09 1.04 -1.63
N VAL A 16 -19.13 1.62 -0.45
CA VAL A 16 -18.09 2.55 -0.01
C VAL A 16 -17.42 1.92 1.21
N LEU A 17 -16.14 1.60 1.08
CA LEU A 17 -15.43 0.93 2.16
C LEU A 17 -14.51 1.84 2.96
N VAL A 18 -14.63 1.76 4.28
CA VAL A 18 -13.82 2.57 5.21
C VAL A 18 -12.97 1.70 6.12
N HIS A 19 -11.66 1.82 6.00
CA HIS A 19 -10.70 1.05 6.77
C HIS A 19 -10.61 1.42 8.26
N THR A 20 -9.88 0.61 9.01
CA THR A 20 -9.70 0.83 10.44
C THR A 20 -8.33 1.50 10.69
N ALA A 21 -7.95 1.63 11.95
CA ALA A 21 -6.68 2.24 12.32
C ALA A 21 -5.47 1.63 11.60
N PHE A 22 -4.48 2.48 11.30
CA PHE A 22 -3.24 2.07 10.64
C PHE A 22 -3.38 1.70 9.17
N HIS A 23 -4.54 1.21 8.79
CA HIS A 23 -4.74 0.78 7.42
C HIS A 23 -5.12 1.85 6.41
N GLY A 24 -5.53 1.41 5.22
CA GLY A 24 -5.92 2.33 4.17
C GLY A 24 -6.83 1.63 3.19
N ALA A 25 -7.16 2.30 2.10
CA ALA A 25 -8.04 1.72 1.08
C ALA A 25 -7.45 0.43 0.53
N TRP A 26 -6.12 0.31 0.55
CA TRP A 26 -5.42 -0.86 0.03
C TRP A 26 -5.82 -2.21 0.66
N CYS A 27 -6.19 -2.20 1.93
CA CYS A 27 -6.54 -3.43 2.60
C CYS A 27 -7.77 -4.11 2.01
N TRP A 28 -8.59 -3.36 1.28
CA TRP A 28 -9.80 -3.92 0.67
C TRP A 28 -9.59 -4.41 -0.74
N TYR A 29 -8.33 -4.46 -1.18
CA TYR A 29 -8.05 -4.85 -2.56
C TYR A 29 -8.75 -6.11 -3.08
N LYS A 30 -8.90 -7.13 -2.25
CA LYS A 30 -9.57 -8.36 -2.69
C LYS A 30 -11.08 -8.14 -2.89
N ILE A 31 -11.67 -7.38 -1.98
CA ILE A 31 -13.10 -7.09 -2.05
C ILE A 31 -13.37 -6.14 -3.22
N VAL A 32 -12.53 -5.12 -3.35
CA VAL A 32 -12.67 -4.16 -4.44
C VAL A 32 -12.59 -4.88 -5.77
N ALA A 33 -11.70 -5.86 -5.86
CA ALA A 33 -11.53 -6.63 -7.09
C ALA A 33 -12.78 -7.47 -7.39
N LEU A 34 -13.34 -8.08 -6.36
CA LEU A 34 -14.54 -8.90 -6.52
C LEU A 34 -15.77 -8.11 -6.94
N MET A 35 -15.87 -6.87 -6.46
CA MET A 35 -17.02 -6.03 -6.78
C MET A 35 -16.95 -5.47 -8.20
N ARG A 36 -15.77 -5.00 -8.58
CA ARG A 36 -15.61 -4.45 -9.92
C ARG A 36 -15.88 -5.51 -10.98
N SER A 37 -15.32 -6.70 -10.80
CA SER A 37 -15.50 -7.77 -11.77
C SER A 37 -16.94 -8.26 -11.82
N SER A 38 -17.69 -8.09 -10.72
CA SER A 38 -19.08 -8.53 -10.71
C SER A 38 -20.02 -7.44 -11.25
N GLY A 39 -19.46 -6.29 -11.63
CA GLY A 39 -20.28 -5.23 -12.18
C GLY A 39 -20.69 -4.08 -11.28
N HIS A 40 -20.38 -4.16 -9.99
CA HIS A 40 -20.76 -3.07 -9.10
C HIS A 40 -19.71 -1.98 -9.04
N ASN A 41 -20.10 -0.84 -8.46
CA ASN A 41 -19.19 0.27 -8.31
C ASN A 41 -18.76 0.22 -6.86
N VAL A 42 -17.48 0.52 -6.63
CA VAL A 42 -16.95 0.50 -5.27
C VAL A 42 -15.96 1.64 -5.05
N THR A 43 -16.03 2.23 -3.87
CA THR A 43 -15.13 3.32 -3.52
C THR A 43 -14.41 2.92 -2.23
N ALA A 44 -13.09 2.76 -2.32
CA ALA A 44 -12.27 2.43 -1.15
C ALA A 44 -11.52 3.71 -0.82
N LEU A 45 -11.90 4.35 0.28
CA LEU A 45 -11.28 5.60 0.69
C LEU A 45 -10.13 5.43 1.68
N ASP A 46 -9.27 6.44 1.74
CA ASP A 46 -8.17 6.49 2.69
C ASP A 46 -8.57 7.61 3.64
N LEU A 47 -8.57 7.35 4.94
CA LEU A 47 -8.91 8.42 5.86
C LEU A 47 -7.66 9.25 6.02
N GLY A 48 -7.73 10.32 6.82
CA GLY A 48 -6.57 11.16 7.00
C GLY A 48 -5.30 10.42 7.41
N ALA A 49 -4.18 10.77 6.79
CA ALA A 49 -2.88 10.16 7.07
C ALA A 49 -2.93 8.63 6.98
N SER A 50 -3.76 8.14 6.07
CA SER A 50 -3.92 6.70 5.85
C SER A 50 -3.61 6.37 4.38
N GLY A 51 -3.09 5.18 4.13
CA GLY A 51 -2.76 4.79 2.77
C GLY A 51 -1.88 5.82 2.10
N ILE A 52 -2.30 6.33 0.96
CA ILE A 52 -1.53 7.36 0.28
C ILE A 52 -2.11 8.75 0.48
N ASN A 53 -2.96 8.91 1.50
CA ASN A 53 -3.50 10.23 1.79
C ASN A 53 -2.25 11.05 2.07
N PRO A 54 -2.15 12.26 1.50
CA PRO A 54 -0.98 13.14 1.69
C PRO A 54 -0.63 13.61 3.10
N LYS A 55 -1.63 13.74 3.97
CA LYS A 55 -1.39 14.20 5.33
C LYS A 55 -0.53 13.27 6.19
N GLN A 56 0.22 13.86 7.12
CA GLN A 56 1.03 13.08 8.05
C GLN A 56 0.23 13.17 9.36
N ALA A 57 0.33 12.17 10.22
CA ALA A 57 -0.42 12.18 11.48
C ALA A 57 -0.35 13.48 12.28
N LEU A 58 0.85 14.06 12.40
CA LEU A 58 0.98 15.29 13.17
C LEU A 58 0.19 16.46 12.61
N GLN A 59 -0.17 16.37 11.34
CA GLN A 59 -0.93 17.43 10.71
C GLN A 59 -2.44 17.31 10.94
N ILE A 60 -2.90 16.16 11.43
CA ILE A 60 -4.33 16.01 11.64
C ILE A 60 -4.68 15.62 13.07
N PRO A 61 -4.33 16.48 14.05
CA PRO A 61 -4.56 16.29 15.49
C PRO A 61 -6.03 16.28 15.90
N ASN A 62 -6.91 16.77 15.04
CA ASN A 62 -8.34 16.79 15.34
C ASN A 62 -9.03 15.67 14.57
N PHE A 63 -9.91 14.96 15.26
CA PHE A 63 -10.62 13.84 14.67
C PHE A 63 -11.34 14.21 13.37
N SER A 64 -11.81 15.46 13.29
CA SER A 64 -12.51 15.90 12.08
C SER A 64 -11.56 15.82 10.90
N ASP A 65 -10.28 16.11 11.14
CA ASP A 65 -9.30 16.05 10.06
C ASP A 65 -9.19 14.59 9.57
N TYR A 66 -9.22 13.64 10.50
CA TYR A 66 -9.12 12.22 10.16
C TYR A 66 -10.30 11.78 9.29
N LEU A 67 -11.51 12.22 9.65
CA LEU A 67 -12.71 11.85 8.90
C LEU A 67 -12.97 12.63 7.61
N SER A 68 -12.30 13.76 7.43
CA SER A 68 -12.52 14.60 6.25
C SER A 68 -12.65 13.91 4.90
N PRO A 69 -11.78 12.94 4.58
CA PRO A 69 -11.95 12.30 3.26
C PRO A 69 -13.31 11.65 3.05
N LEU A 70 -13.91 11.11 4.11
CA LEU A 70 -15.21 10.47 3.98
C LEU A 70 -16.34 11.51 3.95
N MET A 71 -16.29 12.48 4.86
CA MET A 71 -17.31 13.51 4.92
C MET A 71 -17.32 14.29 3.61
N GLU A 72 -16.13 14.52 3.09
CA GLU A 72 -15.96 15.22 1.83
C GLU A 72 -16.58 14.43 0.68
N PHE A 73 -16.34 13.12 0.66
CA PHE A 73 -16.87 12.26 -0.37
C PHE A 73 -18.40 12.18 -0.30
N MET A 74 -18.92 12.13 0.93
CA MET A 74 -20.36 12.04 1.15
C MET A 74 -21.09 13.28 0.65
N ALA A 75 -20.46 14.44 0.84
CA ALA A 75 -21.06 15.70 0.41
C ALA A 75 -21.12 15.82 -1.11
N SER A 76 -20.13 15.25 -1.80
CA SER A 76 -20.08 15.30 -3.26
C SER A 76 -21.12 14.38 -3.91
N LEU A 77 -21.76 13.54 -3.11
CA LEU A 77 -22.77 12.60 -3.60
C LEU A 77 -24.17 13.18 -3.83
N PRO A 78 -24.69 13.09 -5.06
CA PRO A 78 -26.05 13.61 -5.29
C PRO A 78 -26.98 12.73 -4.45
N ALA A 79 -27.90 13.36 -3.73
CA ALA A 79 -28.83 12.65 -2.85
C ALA A 79 -29.51 11.40 -3.42
N ASN A 80 -29.68 11.34 -4.74
CA ASN A 80 -30.35 10.22 -5.39
C ASN A 80 -29.48 8.99 -5.58
N GLU A 81 -28.17 9.15 -5.43
CA GLU A 81 -27.26 8.02 -5.60
C GLU A 81 -26.90 7.41 -4.24
N LYS A 82 -27.74 6.50 -3.77
CA LYS A 82 -27.55 5.84 -2.47
C LYS A 82 -26.36 4.88 -2.50
N ILE A 83 -25.80 4.64 -1.33
CA ILE A 83 -24.65 3.74 -1.22
C ILE A 83 -24.79 2.76 -0.07
N ILE A 84 -23.91 1.77 -0.06
CA ILE A 84 -23.85 0.80 1.03
C ILE A 84 -22.54 1.21 1.69
N LEU A 85 -22.62 1.72 2.92
CA LEU A 85 -21.43 2.19 3.62
C LEU A 85 -20.89 1.13 4.58
N VAL A 86 -19.67 0.69 4.33
CA VAL A 86 -19.04 -0.33 5.17
C VAL A 86 -17.88 0.23 5.97
N GLY A 87 -17.98 0.12 7.30
CA GLY A 87 -16.92 0.59 8.17
C GLY A 87 -16.31 -0.55 8.96
N HIS A 88 -14.99 -0.68 8.92
CA HIS A 88 -14.30 -1.75 9.65
C HIS A 88 -13.62 -1.26 10.94
N ALA A 89 -13.88 -1.98 12.02
CA ALA A 89 -13.33 -1.66 13.35
C ALA A 89 -13.41 -0.17 13.65
N LEU A 90 -12.28 0.51 13.78
CA LEU A 90 -12.31 1.93 14.09
C LEU A 90 -13.12 2.67 13.03
N GLY A 91 -13.15 2.12 11.81
CA GLY A 91 -13.91 2.73 10.74
C GLY A 91 -15.37 2.92 11.13
N GLY A 92 -15.80 2.16 12.13
CA GLY A 92 -17.18 2.27 12.59
C GLY A 92 -17.55 3.68 13.04
N LEU A 93 -16.58 4.38 13.63
CA LEU A 93 -16.80 5.75 14.10
C LEU A 93 -16.99 6.71 12.93
N ALA A 94 -16.21 6.50 11.88
CA ALA A 94 -16.29 7.36 10.71
C ALA A 94 -17.66 7.27 10.04
N ILE A 95 -18.10 6.04 9.74
CA ILE A 95 -19.39 5.88 9.08
C ILE A 95 -20.54 6.32 9.97
N SER A 96 -20.34 6.26 11.28
CA SER A 96 -21.38 6.70 12.20
C SER A 96 -21.58 8.21 12.02
N LYS A 97 -20.47 8.93 11.89
CA LYS A 97 -20.51 10.37 11.69
C LYS A 97 -21.18 10.67 10.35
N ALA A 98 -20.90 9.83 9.35
CA ALA A 98 -21.47 10.02 8.02
C ALA A 98 -22.96 9.70 8.05
N MET A 99 -23.35 8.78 8.91
CA MET A 99 -24.76 8.40 9.04
C MET A 99 -25.56 9.55 9.61
N GLU A 100 -24.94 10.28 10.54
CA GLU A 100 -25.61 11.41 11.19
C GLU A 100 -25.71 12.64 10.30
N THR A 101 -24.73 12.85 9.43
CA THR A 101 -24.73 14.03 8.56
C THR A 101 -25.44 13.87 7.22
N PHE A 102 -25.36 12.69 6.62
CA PHE A 102 -26.00 12.44 5.32
C PHE A 102 -26.84 11.16 5.38
N PRO A 103 -27.70 11.04 6.40
CA PRO A 103 -28.55 9.86 6.59
C PRO A 103 -29.32 9.36 5.37
N GLU A 104 -29.82 10.29 4.56
CA GLU A 104 -30.61 9.92 3.39
C GLU A 104 -29.82 9.33 2.23
N LYS A 105 -28.50 9.51 2.24
CA LYS A 105 -27.68 8.99 1.15
C LYS A 105 -27.24 7.54 1.37
N ILE A 106 -27.56 6.99 2.53
CA ILE A 106 -27.14 5.64 2.87
C ILE A 106 -28.29 4.63 2.91
N SER A 107 -28.26 3.66 1.99
CA SER A 107 -29.30 2.63 1.94
C SER A 107 -29.22 1.83 3.23
N VAL A 108 -28.02 1.35 3.52
CA VAL A 108 -27.77 0.56 4.72
C VAL A 108 -26.31 0.76 5.12
N ALA A 109 -26.05 0.76 6.43
CA ALA A 109 -24.70 0.93 6.93
C ALA A 109 -24.26 -0.36 7.61
N VAL A 110 -23.11 -0.88 7.18
CA VAL A 110 -22.56 -2.13 7.69
C VAL A 110 -21.32 -1.95 8.58
N PHE A 111 -21.40 -2.48 9.79
CA PHE A 111 -20.30 -2.41 10.75
C PHE A 111 -19.59 -3.76 10.79
N LEU A 112 -18.44 -3.85 10.13
CA LEU A 112 -17.66 -5.09 10.13
C LEU A 112 -16.81 -5.09 11.41
N SER A 113 -17.32 -5.74 12.46
CA SER A 113 -16.62 -5.76 13.74
C SER A 113 -16.26 -4.32 14.09
N GLY A 114 -17.08 -3.38 13.64
CA GLY A 114 -16.78 -1.98 13.87
C GLY A 114 -17.28 -1.41 15.18
N LEU A 115 -16.68 -0.30 15.58
CA LEU A 115 -17.11 0.37 16.80
C LEU A 115 -18.46 0.97 16.41
N MET A 116 -19.49 0.59 17.13
CA MET A 116 -20.84 1.05 16.83
C MET A 116 -21.48 1.78 18.00
N PRO A 117 -20.98 2.97 18.35
CA PRO A 117 -21.56 3.70 19.47
C PRO A 117 -23.00 4.17 19.19
N GLY A 118 -23.74 4.40 20.26
CA GLY A 118 -25.12 4.84 20.13
C GLY A 118 -25.52 5.61 21.37
N PRO A 119 -26.80 6.03 21.46
CA PRO A 119 -27.30 6.78 22.61
C PRO A 119 -26.95 6.18 23.98
N ASN A 120 -26.97 4.84 24.06
CA ASN A 120 -26.69 4.14 25.32
C ASN A 120 -25.24 3.76 25.58
N ILE A 121 -24.41 3.77 24.54
CA ILE A 121 -23.01 3.42 24.67
C ILE A 121 -22.23 4.33 23.72
N ASP A 122 -21.87 5.52 24.21
CA ASP A 122 -21.21 6.51 23.39
C ASP A 122 -19.79 6.26 22.92
N ALA A 123 -19.38 7.07 21.94
CA ALA A 123 -18.08 7.04 21.30
C ALA A 123 -16.87 6.94 22.21
N THR A 124 -16.84 7.73 23.28
CA THR A 124 -15.68 7.69 24.18
C THR A 124 -15.60 6.38 24.94
N THR A 125 -16.74 5.75 25.15
CA THR A 125 -16.77 4.48 25.85
C THR A 125 -16.22 3.37 24.95
N VAL A 126 -16.73 3.29 23.73
CA VAL A 126 -16.29 2.25 22.80
C VAL A 126 -14.82 2.43 22.45
N CYS A 127 -14.39 3.68 22.35
CA CYS A 127 -13.00 4.02 22.03
C CYS A 127 -11.99 3.58 23.08
N THR A 128 -12.24 3.98 24.32
CA THR A 128 -11.37 3.65 25.44
C THR A 128 -11.16 2.13 25.51
N LYS A 129 -12.24 1.39 25.27
CA LYS A 129 -12.19 -0.06 25.31
C LYS A 129 -11.38 -0.59 24.14
N ALA A 130 -11.68 -0.09 22.94
CA ALA A 130 -10.96 -0.52 21.74
C ALA A 130 -9.46 -0.24 21.90
N GLY A 131 -9.14 0.93 22.45
CA GLY A 131 -7.75 1.31 22.63
C GLY A 131 -6.95 0.48 23.62
N SER A 132 -7.62 -0.10 24.61
CA SER A 132 -6.94 -0.91 25.61
C SER A 132 -6.44 -2.21 25.00
N ALA A 133 -7.05 -2.61 23.88
CA ALA A 133 -6.67 -3.84 23.21
C ALA A 133 -5.50 -3.62 22.25
N VAL A 134 -5.12 -2.35 22.06
CA VAL A 134 -4.01 -2.03 21.16
C VAL A 134 -2.82 -1.37 21.86
N LEU A 135 -3.10 -0.35 22.67
CA LEU A 135 -2.04 0.34 23.41
C LEU A 135 -1.28 -0.66 24.28
N GLY A 136 0.04 -0.53 24.31
CA GLY A 136 0.86 -1.41 25.12
C GLY A 136 0.87 -2.90 24.73
N GLN A 137 0.23 -3.24 23.62
CA GLN A 137 0.19 -4.62 23.15
C GLN A 137 1.45 -5.02 22.37
N LEU A 138 2.04 -6.14 22.77
CA LEU A 138 3.24 -6.69 22.14
C LEU A 138 4.26 -5.63 21.73
N ASP A 139 4.58 -5.56 20.43
CA ASP A 139 5.57 -4.61 19.94
C ASP A 139 5.02 -3.26 19.44
N ASN A 140 3.85 -2.88 19.90
CA ASN A 140 3.28 -1.59 19.50
C ASN A 140 4.00 -0.53 20.32
N CYS A 141 4.05 0.70 19.81
CA CYS A 141 4.71 1.77 20.54
C CYS A 141 4.09 3.12 20.23
N VAL A 142 4.31 4.08 21.11
CA VAL A 142 3.77 5.43 20.94
C VAL A 142 4.88 6.47 20.83
N THR A 143 4.56 7.61 20.22
CA THR A 143 5.52 8.69 20.08
C THR A 143 5.07 9.91 20.89
N TYR A 144 6.02 10.78 21.22
CA TYR A 144 5.72 11.97 22.00
C TYR A 144 6.18 13.23 21.28
N GLU A 145 5.42 13.68 20.29
CA GLU A 145 5.82 14.88 19.57
C GLU A 145 5.36 16.17 20.24
N ASN A 146 4.70 16.03 21.39
CA ASN A 146 4.25 17.21 22.12
C ASN A 146 5.05 17.36 23.41
N GLY A 147 6.13 16.59 23.51
CA GLY A 147 6.97 16.66 24.69
C GLY A 147 6.75 15.50 25.63
N PRO A 148 7.77 15.12 26.41
CA PRO A 148 7.72 14.01 27.36
C PRO A 148 6.67 14.14 28.46
N THR A 149 6.26 15.37 28.75
CA THR A 149 5.27 15.60 29.80
C THR A 149 3.82 15.56 29.32
N ASN A 150 3.61 15.58 28.00
CA ASN A 150 2.25 15.51 27.46
C ASN A 150 1.93 14.07 27.09
N PRO A 151 0.64 13.76 26.93
CA PRO A 151 0.30 12.39 26.55
C PRO A 151 0.93 12.07 25.18
N PRO A 152 1.09 10.76 24.87
CA PRO A 152 1.67 10.36 23.60
C PRO A 152 0.85 10.92 22.43
N THR A 153 1.53 11.20 21.32
CA THR A 153 0.87 11.77 20.16
C THR A 153 0.40 10.77 19.11
N THR A 154 1.21 9.76 18.83
CA THR A 154 0.80 8.76 17.85
C THR A 154 1.09 7.36 18.32
N LEU A 155 0.36 6.43 17.74
CA LEU A 155 0.50 5.01 18.05
C LEU A 155 0.95 4.31 16.79
N ILE A 156 1.96 3.46 16.91
CA ILE A 156 2.47 2.74 15.75
C ILE A 156 2.28 1.25 15.94
N ALA A 157 1.75 0.59 14.91
CA ALA A 157 1.51 -0.84 14.96
C ALA A 157 2.78 -1.64 14.66
N GLY A 158 3.18 -2.49 15.61
CA GLY A 158 4.36 -3.31 15.41
C GLY A 158 4.04 -4.54 14.59
N PRO A 159 5.02 -5.10 13.88
CA PRO A 159 4.85 -6.30 13.05
C PRO A 159 4.42 -7.57 13.78
N LYS A 160 4.90 -7.73 15.02
CA LYS A 160 4.53 -8.89 15.82
C LYS A 160 3.07 -8.78 16.22
N PHE A 161 2.66 -7.59 16.62
CA PHE A 161 1.27 -7.36 16.99
C PHE A 161 0.38 -7.69 15.77
N LEU A 162 0.82 -7.27 14.58
CA LEU A 162 0.06 -7.53 13.36
C LEU A 162 -0.03 -9.02 13.07
N ALA A 163 1.07 -9.72 13.25
CA ALA A 163 1.10 -11.17 12.99
C ALA A 163 0.25 -11.96 13.98
N THR A 164 0.33 -11.58 15.24
CA THR A 164 -0.38 -12.29 16.31
C THR A 164 -1.81 -11.86 16.60
N ASN A 165 -2.05 -10.56 16.60
CA ASN A 165 -3.37 -10.05 16.93
C ASN A 165 -4.28 -9.62 15.79
N VAL A 166 -3.72 -9.46 14.58
CA VAL A 166 -4.56 -9.01 13.47
C VAL A 166 -4.66 -9.91 12.26
N TYR A 167 -3.52 -10.30 11.71
CA TYR A 167 -3.48 -11.15 10.52
C TYR A 167 -3.25 -12.63 10.80
N HIS A 168 -3.42 -13.06 12.05
CA HIS A 168 -3.16 -14.45 12.42
C HIS A 168 -3.84 -15.55 11.62
N LEU A 169 -4.93 -15.23 10.93
CA LEU A 169 -5.63 -16.22 10.13
C LEU A 169 -5.60 -15.90 8.64
N SER A 170 -4.73 -14.97 8.23
CA SER A 170 -4.66 -14.58 6.82
C SER A 170 -3.39 -15.05 6.13
N PRO A 171 -3.38 -15.04 4.79
CA PRO A 171 -2.20 -15.46 4.03
C PRO A 171 -0.98 -14.68 4.50
N ILE A 172 0.17 -15.33 4.54
CA ILE A 172 1.38 -14.66 5.00
C ILE A 172 1.78 -13.45 4.18
N GLU A 173 1.47 -13.46 2.88
CA GLU A 173 1.84 -12.32 2.06
C GLU A 173 1.08 -11.06 2.48
N ASP A 174 -0.18 -11.23 2.87
CA ASP A 174 -0.97 -10.10 3.31
C ASP A 174 -0.39 -9.46 4.57
N LEU A 175 0.26 -10.28 5.39
CA LEU A 175 0.90 -9.76 6.59
C LEU A 175 2.06 -8.89 6.13
N ALA A 176 2.81 -9.39 5.15
CA ALA A 176 3.95 -8.66 4.60
C ALA A 176 3.50 -7.34 3.98
N LEU A 177 2.41 -7.39 3.21
CA LEU A 177 1.84 -6.22 2.57
C LEU A 177 1.53 -5.15 3.61
N ALA A 178 0.79 -5.54 4.64
CA ALA A 178 0.43 -4.64 5.72
C ALA A 178 1.65 -4.06 6.44
N THR A 179 2.65 -4.88 6.74
CA THR A 179 3.84 -4.38 7.44
C THR A 179 4.51 -3.28 6.62
N ALA A 180 4.32 -3.33 5.30
CA ALA A 180 4.92 -2.35 4.42
C ALA A 180 4.01 -1.12 4.21
N LEU A 181 2.78 -1.18 4.71
CA LEU A 181 1.86 -0.06 4.52
C LEU A 181 1.17 0.54 5.74
N VAL A 182 1.16 -0.14 6.89
CA VAL A 182 0.51 0.44 8.06
C VAL A 182 1.20 1.76 8.40
N ARG A 183 0.40 2.76 8.75
CA ARG A 183 0.93 4.07 9.11
C ARG A 183 0.46 4.44 10.51
N PRO A 184 1.13 5.41 11.16
CA PRO A 184 0.74 5.81 12.51
C PRO A 184 -0.67 6.38 12.61
N LEU A 185 -1.24 6.29 13.81
CA LEU A 185 -2.56 6.81 14.10
C LEU A 185 -2.42 7.87 15.18
N TYR A 186 -2.96 9.06 14.95
CA TYR A 186 -2.86 10.13 15.93
C TYR A 186 -3.72 9.71 17.11
N LEU A 187 -3.19 9.85 18.33
CA LEU A 187 -3.95 9.45 19.51
C LEU A 187 -4.98 10.51 19.92
N TYR A 188 -6.10 10.50 19.21
CA TYR A 188 -7.16 11.47 19.46
C TYR A 188 -7.70 11.48 20.89
N LEU A 189 -8.08 12.66 21.34
CA LEU A 189 -8.61 12.84 22.68
C LEU A 189 -10.06 12.41 22.75
N ALA A 190 -10.39 11.66 23.79
CA ALA A 190 -11.75 11.18 24.01
C ALA A 190 -12.71 12.36 23.91
N GLU A 191 -12.29 13.46 24.51
CA GLU A 191 -13.09 14.69 24.52
C GLU A 191 -13.35 15.19 23.10
N ASP A 192 -12.35 15.13 22.25
CA ASP A 192 -12.48 15.54 20.86
C ASP A 192 -13.45 14.58 20.16
N ILE A 193 -13.19 13.28 20.28
CA ILE A 193 -14.03 12.26 19.66
C ILE A 193 -15.49 12.34 20.10
N SER A 194 -15.72 12.42 21.41
CA SER A 194 -17.08 12.49 21.92
C SER A 194 -17.82 13.70 21.38
N LYS A 195 -17.08 14.80 21.17
CA LYS A 195 -17.68 16.02 20.66
C LYS A 195 -17.91 15.95 19.15
N GLU A 196 -17.07 15.19 18.46
CA GLU A 196 -17.18 15.05 17.01
C GLU A 196 -18.22 14.01 16.59
N VAL A 197 -18.39 12.97 17.37
CA VAL A 197 -19.34 11.91 17.03
C VAL A 197 -20.60 11.93 17.88
N VAL A 198 -21.49 12.86 17.56
CA VAL A 198 -22.75 13.00 18.28
C VAL A 198 -23.80 12.35 17.39
N LEU A 199 -24.62 11.50 17.96
CA LEU A 199 -25.62 10.80 17.16
C LEU A 199 -27.04 11.04 17.71
N SER A 200 -28.01 11.08 16.82
CA SER A 200 -29.40 11.28 17.21
C SER A 200 -30.28 10.21 16.54
N SER A 201 -31.32 9.80 17.26
CA SER A 201 -32.25 8.80 16.77
C SER A 201 -32.94 9.16 15.45
N LYS A 202 -33.22 10.45 15.26
CA LYS A 202 -33.87 10.90 14.04
C LYS A 202 -33.02 10.77 12.79
N ARG A 203 -31.73 11.06 12.91
CA ARG A 203 -30.83 10.98 11.76
C ARG A 203 -30.06 9.66 11.76
N TYR A 204 -29.09 9.52 12.65
CA TYR A 204 -28.30 8.29 12.73
C TYR A 204 -29.18 7.05 12.89
N GLY A 205 -30.12 7.11 13.83
CA GLY A 205 -31.00 5.99 14.07
C GLY A 205 -31.92 5.63 12.92
N SER A 206 -32.12 6.55 11.99
CA SER A 206 -33.01 6.30 10.86
C SER A 206 -32.39 5.43 9.75
N VAL A 207 -31.07 5.28 9.77
CA VAL A 207 -30.40 4.50 8.74
C VAL A 207 -30.39 3.00 9.06
N LYS A 208 -30.68 2.18 8.06
CA LYS A 208 -30.68 0.73 8.26
C LYS A 208 -29.26 0.37 8.66
N ARG A 209 -29.14 -0.43 9.72
CA ARG A 209 -27.83 -0.78 10.24
C ARG A 209 -27.65 -2.28 10.43
N VAL A 210 -26.58 -2.81 9.86
CA VAL A 210 -26.27 -4.23 9.99
C VAL A 210 -24.88 -4.41 10.57
N PHE A 211 -24.78 -5.28 11.56
CA PHE A 211 -23.51 -5.57 12.22
C PHE A 211 -23.05 -6.97 11.81
N ILE A 212 -21.77 -7.10 11.48
CA ILE A 212 -21.20 -8.38 11.08
C ILE A 212 -20.16 -8.82 12.10
N VAL A 213 -20.44 -9.93 12.77
CA VAL A 213 -19.53 -10.45 13.76
C VAL A 213 -18.51 -11.35 13.07
N ALA A 214 -17.23 -11.09 13.31
CA ALA A 214 -16.16 -11.86 12.70
C ALA A 214 -14.87 -11.76 13.50
N THR A 215 -14.65 -12.73 14.37
CA THR A 215 -13.45 -12.80 15.20
C THR A 215 -13.38 -14.27 15.62
N GLU A 216 -12.20 -14.80 15.90
CA GLU A 216 -12.11 -16.22 16.26
C GLU A 216 -11.55 -16.66 17.60
N ASN A 217 -10.33 -16.27 17.94
CA ASN A 217 -9.76 -16.70 19.21
C ASN A 217 -9.72 -15.62 20.28
N ASP A 218 -10.78 -14.81 20.36
CA ASP A 218 -10.84 -13.75 21.34
C ASP A 218 -12.23 -13.64 21.97
N ALA A 219 -12.40 -14.30 23.11
CA ALA A 219 -13.67 -14.30 23.81
C ALA A 219 -14.03 -12.90 24.32
N LEU A 220 -13.04 -12.19 24.85
CA LEU A 220 -13.26 -10.85 25.36
C LEU A 220 -13.62 -9.89 24.24
N LYS A 221 -12.91 -10.02 23.12
CA LYS A 221 -13.17 -9.20 21.94
C LYS A 221 -14.61 -9.42 21.52
N LYS A 222 -15.00 -10.69 21.44
CA LYS A 222 -16.36 -11.02 21.05
C LYS A 222 -17.35 -10.49 22.09
N GLU A 223 -16.95 -10.49 23.35
CA GLU A 223 -17.82 -9.98 24.40
C GLU A 223 -18.04 -8.48 24.23
N PHE A 224 -16.96 -7.75 24.01
CA PHE A 224 -17.03 -6.30 23.80
C PHE A 224 -17.97 -6.02 22.64
N LEU A 225 -17.81 -6.81 21.60
CA LEU A 225 -18.60 -6.71 20.39
C LEU A 225 -20.07 -7.03 20.72
N LYS A 226 -20.28 -7.96 21.64
CA LYS A 226 -21.64 -8.33 22.06
C LYS A 226 -22.25 -7.21 22.90
N LEU A 227 -21.42 -6.52 23.66
CA LEU A 227 -21.87 -5.40 24.50
C LEU A 227 -22.45 -4.25 23.66
N MET A 228 -21.81 -3.95 22.55
CA MET A 228 -22.26 -2.87 21.67
C MET A 228 -23.55 -3.24 20.94
N ILE A 229 -23.68 -4.51 20.58
CA ILE A 229 -24.89 -4.97 19.89
C ILE A 229 -26.07 -4.93 20.85
N GLU A 230 -25.80 -5.18 22.12
CA GLU A 230 -26.85 -5.14 23.13
C GLU A 230 -27.25 -3.71 23.48
N LYS A 231 -26.25 -2.85 23.70
CA LYS A 231 -26.48 -1.45 24.07
C LYS A 231 -27.02 -0.57 22.94
N ASN A 232 -26.72 -0.93 21.70
CA ASN A 232 -27.16 -0.19 20.53
C ASN A 232 -27.57 -1.19 19.44
N PRO A 233 -28.70 -1.90 19.67
CA PRO A 233 -29.24 -2.91 18.76
C PRO A 233 -29.36 -2.48 17.30
N PRO A 234 -28.81 -3.29 16.38
CA PRO A 234 -28.88 -2.99 14.95
C PRO A 234 -30.15 -3.60 14.36
N ASP A 235 -30.33 -3.45 13.06
CA ASP A 235 -31.50 -4.02 12.40
C ASP A 235 -31.29 -5.50 12.13
N GLU A 236 -30.04 -5.95 12.24
CA GLU A 236 -29.71 -7.35 12.00
C GLU A 236 -28.24 -7.62 12.30
N VAL A 237 -27.94 -8.88 12.63
CA VAL A 237 -26.58 -9.28 12.93
C VAL A 237 -26.23 -10.51 12.11
N LYS A 238 -25.16 -10.42 11.33
CA LYS A 238 -24.72 -11.54 10.52
C LYS A 238 -23.39 -12.01 11.07
N GLU A 239 -22.94 -13.19 10.66
CA GLU A 239 -21.70 -13.72 11.19
C GLU A 239 -20.80 -14.38 10.14
N ILE A 240 -19.50 -14.27 10.33
CA ILE A 240 -18.54 -14.89 9.42
C ILE A 240 -17.52 -15.63 10.27
N GLU A 241 -17.40 -16.93 10.01
CA GLU A 241 -16.51 -17.80 10.78
C GLU A 241 -15.11 -17.93 10.20
N GLY A 242 -14.15 -18.17 11.08
CA GLY A 242 -12.77 -18.35 10.68
C GLY A 242 -12.06 -17.07 10.25
N SER A 243 -12.56 -15.93 10.71
CA SER A 243 -11.95 -14.66 10.36
C SER A 243 -11.08 -14.12 11.49
N ASP A 244 -9.96 -13.48 11.14
CA ASP A 244 -9.12 -12.87 12.16
C ASP A 244 -9.65 -11.45 12.23
N HIS A 245 -8.81 -10.48 12.57
CA HIS A 245 -9.31 -9.11 12.63
C HIS A 245 -9.62 -8.54 11.26
N VAL A 246 -8.79 -8.82 10.27
CA VAL A 246 -8.99 -8.31 8.93
C VAL A 246 -9.73 -9.28 8.03
N THR A 247 -11.03 -9.34 8.21
CA THR A 247 -11.89 -10.23 7.42
C THR A 247 -11.68 -10.09 5.91
N MET A 248 -11.45 -8.87 5.45
CA MET A 248 -11.25 -8.66 4.01
C MET A 248 -10.01 -9.40 3.50
N MET A 249 -9.12 -9.79 4.40
CA MET A 249 -7.91 -10.52 4.05
C MET A 249 -8.07 -12.03 4.25
N SER A 250 -8.59 -12.41 5.41
CA SER A 250 -8.76 -13.82 5.74
C SER A 250 -9.98 -14.53 5.15
N LYS A 251 -11.09 -13.80 5.00
CA LYS A 251 -12.31 -14.38 4.45
C LYS A 251 -12.93 -13.49 3.36
N PRO A 252 -12.14 -13.12 2.35
CA PRO A 252 -12.59 -12.27 1.25
C PRO A 252 -13.88 -12.70 0.54
N GLN A 253 -13.90 -13.91 0.00
CA GLN A 253 -15.08 -14.41 -0.69
C GLN A 253 -16.33 -14.39 0.18
N GLN A 254 -16.18 -14.78 1.44
CA GLN A 254 -17.29 -14.81 2.37
C GLN A 254 -17.81 -13.39 2.65
N LEU A 255 -16.89 -12.47 2.94
CA LEU A 255 -17.26 -11.09 3.22
C LEU A 255 -18.00 -10.50 2.01
N PHE A 256 -17.44 -10.72 0.83
CA PHE A 256 -18.04 -10.23 -0.41
C PHE A 256 -19.50 -10.70 -0.52
N THR A 257 -19.67 -12.02 -0.46
CA THR A 257 -21.00 -12.64 -0.55
C THR A 257 -21.95 -12.03 0.46
N THR A 258 -21.48 -11.86 1.69
CA THR A 258 -22.31 -11.26 2.74
C THR A 258 -22.73 -9.85 2.36
N LEU A 259 -21.79 -9.05 1.85
CA LEU A 259 -22.10 -7.68 1.48
C LEU A 259 -23.15 -7.58 0.38
N LEU A 260 -23.05 -8.44 -0.64
CA LEU A 260 -24.02 -8.39 -1.72
C LEU A 260 -25.40 -8.74 -1.17
N SER A 261 -25.44 -9.76 -0.32
CA SER A 261 -26.67 -10.20 0.29
C SER A 261 -27.32 -9.05 1.06
N ILE A 262 -26.53 -8.36 1.86
CA ILE A 262 -27.02 -7.23 2.64
C ILE A 262 -27.55 -6.15 1.70
N ALA A 263 -26.79 -5.88 0.64
CA ALA A 263 -27.16 -4.86 -0.34
C ALA A 263 -28.47 -5.18 -1.07
N ASN A 264 -28.65 -6.43 -1.48
CA ASN A 264 -29.85 -6.82 -2.20
C ASN A 264 -31.10 -6.79 -1.32
N LYS A 265 -30.90 -6.89 -0.01
CA LYS A 265 -32.00 -6.88 0.94
C LYS A 265 -32.46 -5.49 1.37
N TYR A 266 -31.54 -4.53 1.35
CA TYR A 266 -31.86 -3.16 1.77
C TYR A 266 -31.67 -2.18 0.62
N LYS A 267 -32.48 -2.31 -0.44
CA LYS A 267 -32.37 -1.43 -1.59
C LYS A 267 -32.88 -0.01 -1.35
N PRO B 9 22.83 -27.39 3.38
CA PRO B 9 23.41 -26.38 4.31
C PRO B 9 22.83 -25.00 3.99
N PHE B 10 22.00 -24.50 4.89
CA PHE B 10 21.36 -23.20 4.69
C PHE B 10 22.27 -22.01 4.95
N VAL B 11 22.31 -21.09 3.99
CA VAL B 11 23.12 -19.88 4.08
C VAL B 11 22.18 -18.69 4.05
N LYS B 12 21.99 -18.04 5.21
CA LYS B 12 21.11 -16.88 5.30
C LYS B 12 21.66 -15.77 4.42
N LYS B 13 20.78 -15.18 3.60
CA LYS B 13 21.18 -14.10 2.72
C LYS B 13 20.33 -12.86 2.96
N HIS B 14 20.77 -11.74 2.42
CA HIS B 14 20.04 -10.48 2.59
C HIS B 14 19.64 -9.84 1.25
N PHE B 15 18.37 -9.99 0.89
CA PHE B 15 17.83 -9.42 -0.34
C PHE B 15 17.32 -8.01 -0.03
N VAL B 16 17.61 -7.07 -0.93
CA VAL B 16 17.17 -5.69 -0.79
C VAL B 16 16.43 -5.38 -2.08
N LEU B 17 15.13 -5.10 -1.96
CA LEU B 17 14.28 -4.84 -3.12
C LEU B 17 13.94 -3.37 -3.38
N VAL B 18 14.12 -2.94 -4.63
CA VAL B 18 13.84 -1.56 -5.04
C VAL B 18 12.81 -1.50 -6.17
N HIS B 19 11.70 -0.82 -5.91
CA HIS B 19 10.59 -0.70 -6.86
C HIS B 19 10.84 0.24 -8.03
N THR B 20 9.87 0.28 -8.94
CA THR B 20 9.95 1.15 -10.09
C THR B 20 9.10 2.40 -9.84
N ALA B 21 8.87 3.17 -10.90
CA ALA B 21 8.09 4.40 -10.80
C ALA B 21 6.67 4.11 -10.32
N PHE B 22 6.12 5.06 -9.57
CA PHE B 22 4.75 5.00 -9.04
C PHE B 22 4.53 4.03 -7.90
N HIS B 23 5.34 2.99 -7.86
CA HIS B 23 5.20 1.96 -6.84
C HIS B 23 5.92 2.24 -5.52
N GLY B 24 6.03 1.20 -4.70
CA GLY B 24 6.68 1.33 -3.41
C GLY B 24 7.01 -0.07 -2.91
N ALA B 25 7.54 -0.15 -1.70
CA ALA B 25 7.91 -1.45 -1.11
C ALA B 25 6.78 -2.47 -1.20
N TRP B 26 5.54 -1.98 -1.14
CA TRP B 26 4.37 -2.84 -1.18
C TRP B 26 4.22 -3.78 -2.38
N CYS B 27 4.82 -3.43 -3.51
CA CYS B 27 4.65 -4.28 -4.69
C CYS B 27 5.37 -5.64 -4.57
N TRP B 28 6.33 -5.72 -3.66
CA TRP B 28 7.10 -6.95 -3.44
C TRP B 28 6.51 -7.89 -2.39
N TYR B 29 5.39 -7.51 -1.79
CA TYR B 29 4.79 -8.32 -0.73
C TYR B 29 4.79 -9.84 -0.88
N LYS B 30 4.59 -10.33 -2.10
CA LYS B 30 4.58 -11.77 -2.30
C LYS B 30 5.99 -12.33 -2.20
N ILE B 31 6.96 -11.56 -2.67
CA ILE B 31 8.36 -11.97 -2.62
C ILE B 31 8.91 -11.85 -1.21
N VAL B 32 8.52 -10.78 -0.52
CA VAL B 32 8.97 -10.56 0.85
C VAL B 32 8.49 -11.71 1.72
N ALA B 33 7.26 -12.17 1.48
CA ALA B 33 6.69 -13.26 2.25
C ALA B 33 7.45 -14.57 2.05
N LEU B 34 7.70 -14.91 0.80
CA LEU B 34 8.43 -16.14 0.49
C LEU B 34 9.84 -16.10 1.08
N MET B 35 10.44 -14.91 1.15
CA MET B 35 11.79 -14.75 1.69
C MET B 35 11.85 -14.91 3.20
N ARG B 36 11.05 -14.13 3.92
CA ARG B 36 11.01 -14.19 5.38
C ARG B 36 10.60 -15.57 5.85
N SER B 37 9.76 -16.22 5.03
CA SER B 37 9.26 -17.55 5.34
C SER B 37 10.33 -18.62 5.21
N SER B 38 11.30 -18.41 4.33
CA SER B 38 12.36 -19.39 4.12
C SER B 38 13.57 -19.13 5.02
N GLY B 39 13.48 -18.11 5.87
CA GLY B 39 14.57 -17.81 6.77
C GLY B 39 15.54 -16.73 6.33
N HIS B 40 15.30 -16.10 5.19
CA HIS B 40 16.19 -15.06 4.72
C HIS B 40 15.79 -13.68 5.22
N ASN B 41 16.75 -12.77 5.21
CA ASN B 41 16.51 -11.39 5.59
C ASN B 41 16.18 -10.64 4.28
N VAL B 42 15.12 -9.84 4.31
CA VAL B 42 14.73 -9.08 3.13
C VAL B 42 14.32 -7.69 3.53
N THR B 43 14.74 -6.71 2.73
CA THR B 43 14.42 -5.30 2.97
C THR B 43 13.78 -4.72 1.71
N ALA B 44 12.51 -4.36 1.79
CA ALA B 44 11.82 -3.75 0.65
C ALA B 44 11.73 -2.27 0.98
N LEU B 45 12.38 -1.44 0.16
CA LEU B 45 12.39 0.00 0.41
C LEU B 45 11.40 0.85 -0.38
N ASP B 46 11.05 1.99 0.20
CA ASP B 46 10.17 2.97 -0.43
C ASP B 46 11.11 4.10 -0.83
N LEU B 47 11.20 4.42 -2.12
CA LEU B 47 12.06 5.52 -2.54
C LEU B 47 11.34 6.83 -2.23
N GLY B 48 11.97 7.96 -2.55
CA GLY B 48 11.33 9.23 -2.28
C GLY B 48 9.89 9.29 -2.78
N ALA B 49 8.99 9.84 -1.96
CA ALA B 49 7.57 9.99 -2.29
C ALA B 49 6.94 8.75 -2.89
N SER B 50 7.38 7.59 -2.42
CA SER B 50 6.87 6.30 -2.88
C SER B 50 6.34 5.51 -1.70
N GLY B 51 5.34 4.66 -1.96
CA GLY B 51 4.74 3.86 -0.90
C GLY B 51 4.27 4.78 0.20
N ILE B 52 4.70 4.55 1.42
CA ILE B 52 4.29 5.39 2.53
C ILE B 52 5.43 6.33 2.94
N ASN B 53 6.29 6.66 1.98
CA ASN B 53 7.37 7.59 2.26
C ASN B 53 6.65 8.93 2.51
N PRO B 54 7.06 9.68 3.54
CA PRO B 54 6.46 10.96 3.92
C PRO B 54 6.58 12.13 2.92
N LYS B 55 7.53 12.04 2.01
CA LYS B 55 7.72 13.11 1.04
C LYS B 55 6.66 13.12 -0.06
N GLN B 56 6.33 14.31 -0.53
CA GLN B 56 5.37 14.44 -1.63
C GLN B 56 6.24 14.70 -2.87
N ALA B 57 5.81 14.23 -4.03
CA ALA B 57 6.57 14.38 -5.27
C ALA B 57 7.11 15.80 -5.47
N LEU B 58 6.22 16.79 -5.44
CA LEU B 58 6.60 18.18 -5.63
C LEU B 58 7.67 18.65 -4.65
N GLN B 59 7.74 18.02 -3.49
CA GLN B 59 8.71 18.41 -2.48
C GLN B 59 10.10 17.88 -2.77
N ILE B 60 10.22 16.96 -3.72
CA ILE B 60 11.54 16.43 -4.05
C ILE B 60 11.90 16.48 -5.54
N PRO B 61 12.15 17.70 -6.05
CA PRO B 61 12.50 17.89 -7.47
C PRO B 61 13.90 17.38 -7.83
N ASN B 62 14.74 17.16 -6.82
CA ASN B 62 16.09 16.66 -7.04
C ASN B 62 16.14 15.13 -6.99
N PHE B 63 16.67 14.52 -8.04
CA PHE B 63 16.76 13.06 -8.12
C PHE B 63 17.45 12.49 -6.89
N SER B 64 18.38 13.27 -6.35
CA SER B 64 19.15 12.87 -5.17
C SER B 64 18.25 12.49 -4.01
N ASP B 65 17.16 13.22 -3.84
CA ASP B 65 16.23 12.97 -2.74
C ASP B 65 15.31 11.79 -3.00
N TYR B 66 15.20 11.41 -4.28
CA TYR B 66 14.37 10.28 -4.66
C TYR B 66 15.14 9.01 -4.30
N LEU B 67 16.46 9.07 -4.44
CA LEU B 67 17.32 7.92 -4.15
C LEU B 67 17.84 7.84 -2.71
N SER B 68 17.76 8.93 -1.98
CA SER B 68 18.26 8.96 -0.60
C SER B 68 17.90 7.77 0.30
N PRO B 69 16.65 7.26 0.20
CA PRO B 69 16.34 6.12 1.07
C PRO B 69 17.22 4.90 0.83
N LEU B 70 17.61 4.65 -0.41
CA LEU B 70 18.47 3.50 -0.69
C LEU B 70 19.92 3.82 -0.34
N MET B 71 20.34 5.05 -0.61
CA MET B 71 21.72 5.44 -0.32
C MET B 71 21.95 5.45 1.18
N GLU B 72 20.97 5.93 1.94
CA GLU B 72 21.10 5.97 3.38
C GLU B 72 21.15 4.55 3.90
N PHE B 73 20.30 3.68 3.35
CA PHE B 73 20.29 2.29 3.76
C PHE B 73 21.63 1.64 3.45
N MET B 74 22.14 1.89 2.25
CA MET B 74 23.41 1.30 1.84
C MET B 74 24.55 1.74 2.78
N ALA B 75 24.53 3.00 3.19
CA ALA B 75 25.55 3.54 4.07
C ALA B 75 25.50 2.98 5.48
N SER B 76 24.29 2.67 5.96
CA SER B 76 24.11 2.14 7.30
C SER B 76 24.39 0.64 7.40
N LEU B 77 24.60 -0.03 6.27
CA LEU B 77 24.86 -1.46 6.29
C LEU B 77 26.11 -1.80 7.10
N PRO B 78 26.00 -2.79 8.01
CA PRO B 78 27.12 -3.22 8.86
C PRO B 78 28.35 -3.62 8.04
N ALA B 79 29.49 -3.68 8.71
CA ALA B 79 30.73 -4.04 8.05
C ALA B 79 30.75 -5.51 7.61
N ASN B 80 31.29 -5.75 6.43
CA ASN B 80 31.41 -7.09 5.87
C ASN B 80 30.11 -7.77 5.47
N GLU B 81 29.01 -7.04 5.48
CA GLU B 81 27.73 -7.63 5.10
C GLU B 81 27.42 -7.36 3.63
N LYS B 82 27.17 -8.41 2.87
CA LYS B 82 26.85 -8.28 1.46
C LYS B 82 25.38 -8.57 1.21
N ILE B 83 24.82 -7.96 0.19
CA ILE B 83 23.41 -8.15 -0.14
C ILE B 83 23.21 -8.47 -1.61
N ILE B 84 22.04 -9.00 -1.92
CA ILE B 84 21.67 -9.27 -3.29
C ILE B 84 20.74 -8.09 -3.54
N LEU B 85 21.17 -7.15 -4.37
CA LEU B 85 20.39 -5.95 -4.66
C LEU B 85 19.56 -6.14 -5.95
N VAL B 86 18.25 -6.04 -5.81
CA VAL B 86 17.31 -6.21 -6.91
C VAL B 86 16.50 -4.94 -7.24
N GLY B 87 16.59 -4.50 -8.49
CA GLY B 87 15.88 -3.31 -8.96
C GLY B 87 14.89 -3.61 -10.06
N HIS B 88 13.67 -3.11 -9.93
CA HIS B 88 12.66 -3.33 -10.96
C HIS B 88 12.57 -2.09 -11.84
N ALA B 89 12.76 -2.27 -13.15
CA ALA B 89 12.68 -1.17 -14.13
C ALA B 89 13.40 0.10 -13.67
N LEU B 90 12.66 1.20 -13.47
CA LEU B 90 13.27 2.45 -13.04
C LEU B 90 14.17 2.29 -11.82
N GLY B 91 13.87 1.29 -11.00
CA GLY B 91 14.69 1.04 -9.84
C GLY B 91 16.11 0.68 -10.25
N GLY B 92 16.28 0.33 -11.52
CA GLY B 92 17.60 -0.03 -12.02
C GLY B 92 18.58 1.13 -11.84
N LEU B 93 18.09 2.35 -12.01
CA LEU B 93 18.94 3.53 -11.86
C LEU B 93 19.46 3.61 -10.43
N ALA B 94 18.54 3.52 -9.47
CA ALA B 94 18.89 3.58 -8.07
C ALA B 94 19.97 2.59 -7.68
N ILE B 95 19.80 1.32 -8.05
CA ILE B 95 20.81 0.33 -7.69
C ILE B 95 22.14 0.51 -8.43
N SER B 96 22.09 1.11 -9.62
CA SER B 96 23.32 1.36 -10.37
C SER B 96 24.19 2.32 -9.57
N LYS B 97 23.54 3.35 -9.01
CA LYS B 97 24.25 4.33 -8.19
C LYS B 97 24.80 3.63 -6.94
N ALA B 98 24.01 2.75 -6.35
CA ALA B 98 24.45 2.04 -5.16
C ALA B 98 25.65 1.17 -5.50
N MET B 99 25.67 0.62 -6.71
CA MET B 99 26.78 -0.23 -7.13
C MET B 99 28.06 0.59 -7.29
N GLU B 100 27.91 1.79 -7.84
CA GLU B 100 29.04 2.67 -8.07
C GLU B 100 29.61 3.22 -6.77
N THR B 101 28.73 3.47 -5.81
CA THR B 101 29.12 4.02 -4.52
C THR B 101 29.59 3.00 -3.47
N PHE B 102 28.92 1.86 -3.41
CA PHE B 102 29.28 0.84 -2.41
C PHE B 102 29.41 -0.53 -3.08
N PRO B 103 30.30 -0.64 -4.08
CA PRO B 103 30.47 -1.93 -4.77
C PRO B 103 30.82 -3.10 -3.86
N GLU B 104 31.62 -2.84 -2.83
CA GLU B 104 32.05 -3.89 -1.90
C GLU B 104 30.95 -4.46 -1.01
N LYS B 105 29.82 -3.77 -0.94
CA LYS B 105 28.71 -4.23 -0.10
C LYS B 105 27.65 -5.04 -0.86
N ILE B 106 27.85 -5.19 -2.17
CA ILE B 106 26.89 -5.92 -2.99
C ILE B 106 27.42 -7.22 -3.59
N SER B 107 26.86 -8.33 -3.14
CA SER B 107 27.25 -9.65 -3.64
C SER B 107 26.97 -9.76 -5.14
N VAL B 108 25.77 -9.37 -5.55
CA VAL B 108 25.35 -9.42 -6.94
C VAL B 108 24.13 -8.53 -7.13
N ALA B 109 24.06 -7.83 -8.26
CA ALA B 109 22.94 -6.94 -8.54
C ALA B 109 22.06 -7.56 -9.60
N VAL B 110 20.74 -7.45 -9.42
CA VAL B 110 19.79 -8.04 -10.35
C VAL B 110 18.86 -6.99 -10.93
N PHE B 111 18.81 -6.91 -12.26
CA PHE B 111 17.96 -5.95 -12.94
C PHE B 111 16.73 -6.65 -13.52
N LEU B 112 15.60 -6.51 -12.84
CA LEU B 112 14.36 -7.12 -13.31
C LEU B 112 13.73 -6.14 -14.29
N SER B 113 13.86 -6.43 -15.59
CA SER B 113 13.33 -5.54 -16.62
C SER B 113 13.76 -4.13 -16.21
N GLY B 114 14.94 -4.03 -15.61
CA GLY B 114 15.41 -2.75 -15.14
C GLY B 114 16.22 -1.90 -16.09
N LEU B 115 16.11 -0.59 -15.92
CA LEU B 115 16.88 0.33 -16.75
C LEU B 115 18.29 0.03 -16.29
N MET B 116 19.11 -0.45 -17.21
CA MET B 116 20.48 -0.83 -16.87
C MET B 116 21.52 -0.04 -17.66
N PRO B 117 21.67 1.25 -17.35
CA PRO B 117 22.66 2.06 -18.07
C PRO B 117 24.08 1.62 -17.71
N GLY B 118 25.02 1.92 -18.60
CA GLY B 118 26.40 1.56 -18.36
C GLY B 118 27.32 2.62 -18.94
N PRO B 119 28.64 2.44 -18.84
CA PRO B 119 29.56 3.44 -19.38
C PRO B 119 29.34 3.78 -20.86
N ASN B 120 28.81 2.82 -21.63
CA ASN B 120 28.58 3.02 -23.06
C ASN B 120 27.14 3.31 -23.47
N ILE B 121 26.29 3.53 -22.49
CA ILE B 121 24.89 3.84 -22.74
C ILE B 121 24.38 4.48 -21.46
N ASP B 122 24.83 5.70 -21.22
CA ASP B 122 24.51 6.46 -20.03
C ASP B 122 23.06 6.53 -19.60
N ALA B 123 22.88 6.95 -18.36
CA ALA B 123 21.57 7.07 -17.73
C ALA B 123 20.56 7.86 -18.54
N THR B 124 20.91 9.10 -18.89
CA THR B 124 20.00 9.95 -19.63
C THR B 124 19.53 9.30 -20.93
N THR B 125 20.42 8.56 -21.60
CA THR B 125 20.06 7.90 -22.84
C THR B 125 18.93 6.91 -22.53
N VAL B 126 19.12 6.14 -21.47
CA VAL B 126 18.15 5.14 -21.03
C VAL B 126 16.87 5.77 -20.48
N CYS B 127 16.99 6.93 -19.84
CA CYS B 127 15.83 7.62 -19.27
C CYS B 127 14.92 8.22 -20.34
N THR B 128 15.53 8.70 -21.42
CA THR B 128 14.77 9.29 -22.51
C THR B 128 13.99 8.18 -23.21
N LYS B 129 14.66 7.08 -23.48
CA LYS B 129 14.01 5.94 -24.13
C LYS B 129 12.89 5.44 -23.23
N ALA B 130 13.16 5.36 -21.93
CA ALA B 130 12.16 4.89 -20.98
C ALA B 130 10.98 5.84 -20.97
N GLY B 131 11.26 7.13 -20.88
CA GLY B 131 10.21 8.14 -20.85
C GLY B 131 9.23 8.04 -22.00
N SER B 132 9.73 7.73 -23.19
CA SER B 132 8.88 7.62 -24.37
C SER B 132 7.81 6.53 -24.27
N ALA B 133 8.12 5.47 -23.51
CA ALA B 133 7.19 4.37 -23.35
C ALA B 133 6.14 4.60 -22.27
N VAL B 134 6.32 5.64 -21.46
CA VAL B 134 5.36 5.94 -20.41
C VAL B 134 4.56 7.21 -20.69
N LEU B 135 5.27 8.30 -20.96
CA LEU B 135 4.61 9.57 -21.26
C LEU B 135 3.69 9.42 -22.47
N GLY B 136 2.47 9.93 -22.34
CA GLY B 136 1.52 9.86 -23.43
C GLY B 136 0.82 8.53 -23.59
N GLN B 137 1.25 7.52 -22.84
CA GLN B 137 0.62 6.20 -22.95
C GLN B 137 -0.75 6.14 -22.31
N LEU B 138 -1.74 5.77 -23.11
CA LEU B 138 -3.11 5.64 -22.65
C LEU B 138 -3.57 6.79 -21.77
N ASP B 139 -4.04 6.49 -20.57
CA ASP B 139 -4.55 7.53 -19.68
C ASP B 139 -3.55 8.18 -18.72
N ASN B 140 -2.25 7.94 -18.93
CA ASN B 140 -1.24 8.57 -18.07
C ASN B 140 -1.30 10.08 -18.34
N CYS B 141 -1.12 10.89 -17.31
CA CYS B 141 -1.13 12.34 -17.50
C CYS B 141 -0.03 13.05 -16.72
N VAL B 142 0.29 14.26 -17.16
CA VAL B 142 1.32 15.06 -16.51
C VAL B 142 0.69 16.32 -15.91
N THR B 143 1.41 16.94 -14.99
CA THR B 143 0.94 18.15 -14.34
C THR B 143 1.94 19.28 -14.58
N TYR B 144 1.49 20.50 -14.32
CA TYR B 144 2.31 21.69 -14.49
C TYR B 144 2.24 22.59 -13.26
N GLU B 145 2.82 22.14 -12.16
CA GLU B 145 2.80 22.90 -10.91
C GLU B 145 3.69 24.14 -10.99
N ASN B 146 4.48 24.23 -12.06
CA ASN B 146 5.38 25.37 -12.25
C ASN B 146 5.01 26.25 -13.44
N GLY B 147 3.78 26.15 -13.91
CA GLY B 147 3.34 26.96 -15.04
C GLY B 147 3.66 26.34 -16.40
N PRO B 148 2.98 26.80 -17.46
CA PRO B 148 3.18 26.31 -18.83
C PRO B 148 4.57 26.62 -19.39
N THR B 149 5.20 27.64 -18.83
CA THR B 149 6.53 28.07 -19.26
C THR B 149 7.60 27.01 -18.95
N ASN B 150 7.36 26.22 -17.92
CA ASN B 150 8.31 25.20 -17.50
C ASN B 150 7.90 23.78 -17.87
N PRO B 151 8.85 22.83 -17.76
CA PRO B 151 8.56 21.43 -18.08
C PRO B 151 7.48 20.88 -17.14
N PRO B 152 6.72 19.87 -17.57
CA PRO B 152 5.69 19.34 -16.66
C PRO B 152 6.41 18.89 -15.38
N THR B 153 5.75 19.04 -14.23
CA THR B 153 6.37 18.68 -12.97
C THR B 153 6.25 17.21 -12.57
N THR B 154 5.07 16.63 -12.74
CA THR B 154 4.90 15.23 -12.37
C THR B 154 4.17 14.40 -13.40
N LEU B 155 4.31 13.08 -13.26
CA LEU B 155 3.66 12.10 -14.13
C LEU B 155 2.78 11.21 -13.25
N ILE B 156 1.56 10.99 -13.69
CA ILE B 156 0.61 10.18 -12.95
C ILE B 156 0.13 9.01 -13.80
N ALA B 157 0.37 7.79 -13.33
CA ALA B 157 -0.03 6.57 -14.04
C ALA B 157 -1.54 6.35 -13.97
N GLY B 158 -2.16 6.13 -15.14
CA GLY B 158 -3.60 5.90 -15.18
C GLY B 158 -3.95 4.43 -15.01
N PRO B 159 -5.12 4.10 -14.46
CA PRO B 159 -5.55 2.72 -14.25
C PRO B 159 -5.58 1.87 -15.53
N LYS B 160 -5.96 2.46 -16.65
CA LYS B 160 -6.00 1.72 -17.90
C LYS B 160 -4.58 1.38 -18.33
N PHE B 161 -3.68 2.36 -18.23
CA PHE B 161 -2.28 2.11 -18.57
C PHE B 161 -1.73 0.97 -17.71
N LEU B 162 -2.15 0.93 -16.44
CA LEU B 162 -1.70 -0.11 -15.52
C LEU B 162 -2.24 -1.47 -15.91
N ALA B 163 -3.53 -1.53 -16.21
CA ALA B 163 -4.18 -2.78 -16.59
C ALA B 163 -3.72 -3.34 -17.91
N THR B 164 -3.35 -2.47 -18.85
CA THR B 164 -2.93 -2.92 -20.16
C THR B 164 -1.42 -3.13 -20.36
N ASN B 165 -0.63 -2.15 -19.94
CA ASN B 165 0.83 -2.22 -20.13
C ASN B 165 1.63 -2.83 -19.00
N VAL B 166 1.10 -2.79 -17.78
CA VAL B 166 1.85 -3.31 -16.64
C VAL B 166 1.33 -4.58 -16.00
N TYR B 167 0.03 -4.61 -15.69
CA TYR B 167 -0.58 -5.76 -15.04
C TYR B 167 -1.46 -6.67 -15.89
N HIS B 168 -1.20 -6.77 -17.20
CA HIS B 168 -2.07 -7.61 -18.04
C HIS B 168 -2.06 -9.11 -17.78
N LEU B 169 -1.03 -9.62 -17.12
CA LEU B 169 -0.96 -11.07 -16.84
C LEU B 169 -1.03 -11.38 -15.35
N SER B 170 -1.36 -10.37 -14.54
CA SER B 170 -1.44 -10.55 -13.09
C SER B 170 -2.87 -10.68 -12.55
N PRO B 171 -3.03 -11.22 -11.33
CA PRO B 171 -4.36 -11.38 -10.73
C PRO B 171 -5.04 -10.02 -10.71
N ILE B 172 -6.35 -10.00 -10.98
CA ILE B 172 -7.09 -8.75 -10.99
C ILE B 172 -7.05 -8.01 -9.65
N GLU B 173 -6.92 -8.74 -8.56
CA GLU B 173 -6.86 -8.08 -7.26
C GLU B 173 -5.55 -7.30 -7.12
N ASP B 174 -4.49 -7.75 -7.82
CA ASP B 174 -3.22 -7.05 -7.77
C ASP B 174 -3.34 -5.71 -8.49
N LEU B 175 -4.21 -5.66 -9.50
CA LEU B 175 -4.44 -4.43 -10.26
C LEU B 175 -5.13 -3.45 -9.34
N ALA B 176 -6.11 -3.94 -8.59
CA ALA B 176 -6.86 -3.11 -7.64
C ALA B 176 -5.95 -2.56 -6.54
N LEU B 177 -5.03 -3.40 -6.07
CA LEU B 177 -4.09 -2.98 -5.03
C LEU B 177 -3.28 -1.79 -5.56
N ALA B 178 -2.72 -1.96 -6.76
CA ALA B 178 -1.92 -0.94 -7.41
C ALA B 178 -2.65 0.39 -7.62
N THR B 179 -3.88 0.34 -8.14
CA THR B 179 -4.62 1.58 -8.38
C THR B 179 -4.82 2.36 -7.08
N ALA B 180 -5.00 1.64 -5.98
CA ALA B 180 -5.19 2.28 -4.68
C ALA B 180 -3.87 2.71 -4.03
N LEU B 181 -2.74 2.36 -4.66
CA LEU B 181 -1.44 2.69 -4.07
C LEU B 181 -0.45 3.52 -4.89
N VAL B 182 -0.48 3.41 -6.22
CA VAL B 182 0.45 4.17 -7.05
C VAL B 182 0.39 5.67 -6.82
N ARG B 183 1.58 6.27 -6.70
CA ARG B 183 1.71 7.70 -6.47
C ARG B 183 2.39 8.38 -7.64
N PRO B 184 2.26 9.72 -7.75
CA PRO B 184 2.87 10.49 -8.83
C PRO B 184 4.41 10.38 -8.84
N LEU B 185 5.00 10.55 -10.00
CA LEU B 185 6.46 10.52 -10.12
C LEU B 185 6.90 11.90 -10.63
N TYR B 186 7.79 12.55 -9.89
CA TYR B 186 8.28 13.86 -10.34
C TYR B 186 9.10 13.58 -11.59
N LEU B 187 8.87 14.37 -12.64
CA LEU B 187 9.60 14.22 -13.90
C LEU B 187 11.01 14.81 -13.84
N TYR B 188 11.92 14.05 -13.23
CA TYR B 188 13.30 14.48 -13.08
C TYR B 188 13.99 14.86 -14.39
N LEU B 189 14.75 15.93 -14.35
CA LEU B 189 15.48 16.40 -15.51
C LEU B 189 16.62 15.46 -15.85
N ALA B 190 16.79 15.20 -17.15
CA ALA B 190 17.86 14.32 -17.61
C ALA B 190 19.21 14.83 -17.10
N GLU B 191 19.38 16.14 -17.15
CA GLU B 191 20.60 16.79 -16.70
C GLU B 191 20.92 16.40 -15.26
N ASP B 192 19.90 16.44 -14.41
CA ASP B 192 20.06 16.10 -13.00
C ASP B 192 20.36 14.60 -12.84
N ILE B 193 19.67 13.77 -13.63
CA ILE B 193 19.89 12.33 -13.57
C ILE B 193 21.30 11.99 -14.04
N SER B 194 21.77 12.70 -15.07
CA SER B 194 23.09 12.47 -15.63
C SER B 194 24.22 12.79 -14.65
N LYS B 195 23.95 13.69 -13.73
CA LYS B 195 24.94 14.09 -12.74
C LYS B 195 24.92 13.20 -11.51
N GLU B 196 23.79 12.57 -11.25
CA GLU B 196 23.65 11.67 -10.10
C GLU B 196 24.13 10.25 -10.38
N VAL B 197 23.83 9.76 -11.59
CA VAL B 197 24.23 8.42 -11.96
C VAL B 197 25.35 8.40 -13.00
N VAL B 198 26.58 8.24 -12.53
CA VAL B 198 27.76 8.19 -13.38
C VAL B 198 28.43 6.88 -13.01
N LEU B 199 28.56 5.97 -13.98
CA LEU B 199 29.14 4.67 -13.71
C LEU B 199 30.52 4.42 -14.33
N SER B 200 31.38 3.74 -13.58
CA SER B 200 32.73 3.40 -14.03
C SER B 200 32.94 1.89 -14.00
N SER B 201 33.75 1.40 -14.93
CA SER B 201 34.04 -0.03 -15.04
C SER B 201 34.69 -0.64 -13.80
N LYS B 202 35.59 0.11 -13.15
CA LYS B 202 36.28 -0.41 -11.98
C LYS B 202 35.42 -0.61 -10.73
N ARG B 203 34.34 0.15 -10.62
CA ARG B 203 33.46 0.05 -9.47
C ARG B 203 32.15 -0.61 -9.84
N TYR B 204 31.28 0.13 -10.51
CA TYR B 204 30.00 -0.41 -10.96
C TYR B 204 30.21 -1.70 -11.73
N GLY B 205 31.13 -1.64 -12.69
CA GLY B 205 31.42 -2.80 -13.52
C GLY B 205 32.02 -4.01 -12.82
N SER B 206 32.53 -3.81 -11.61
CA SER B 206 33.12 -4.93 -10.87
C SER B 206 32.08 -5.70 -10.07
N VAL B 207 30.83 -5.23 -10.10
CA VAL B 207 29.78 -5.91 -9.35
C VAL B 207 29.10 -6.95 -10.22
N LYS B 208 29.00 -8.18 -9.73
CA LYS B 208 28.34 -9.25 -10.48
C LYS B 208 26.94 -8.75 -10.82
N ARG B 209 26.56 -8.96 -12.07
CA ARG B 209 25.27 -8.47 -12.52
C ARG B 209 24.50 -9.51 -13.32
N VAL B 210 23.19 -9.56 -13.08
CA VAL B 210 22.31 -10.49 -13.76
C VAL B 210 21.07 -9.72 -14.18
N PHE B 211 20.60 -9.98 -15.38
CA PHE B 211 19.41 -9.31 -15.87
C PHE B 211 18.32 -10.34 -16.08
N ILE B 212 17.11 -10.04 -15.60
CA ILE B 212 15.98 -10.94 -15.74
C ILE B 212 14.97 -10.38 -16.73
N VAL B 213 14.67 -11.16 -17.76
CA VAL B 213 13.72 -10.75 -18.79
C VAL B 213 12.31 -11.27 -18.54
N ALA B 214 11.33 -10.39 -18.68
CA ALA B 214 9.93 -10.76 -18.52
C ALA B 214 9.42 -11.01 -19.94
N THR B 215 9.34 -12.28 -20.31
CA THR B 215 8.90 -12.71 -21.64
C THR B 215 7.70 -12.01 -22.27
N GLU B 216 6.70 -11.65 -21.47
CA GLU B 216 5.51 -10.96 -21.98
C GLU B 216 5.41 -9.52 -21.51
N ASN B 217 6.55 -8.86 -21.37
CA ASN B 217 6.59 -7.47 -20.92
C ASN B 217 6.01 -6.52 -21.95
N ASP B 218 4.90 -5.87 -21.63
CA ASP B 218 4.26 -4.93 -22.56
C ASP B 218 4.49 -3.48 -22.14
N ALA B 219 5.35 -3.27 -21.15
CA ALA B 219 5.66 -1.92 -20.66
C ALA B 219 6.96 -1.45 -21.30
N LEU B 220 7.94 -2.35 -21.35
CA LEU B 220 9.22 -2.02 -21.96
C LEU B 220 9.54 -3.03 -23.06
N LYS B 221 9.42 -2.58 -24.30
CA LYS B 221 9.68 -3.39 -25.49
C LYS B 221 11.03 -4.09 -25.47
N LYS B 222 11.09 -5.27 -26.08
CA LYS B 222 12.31 -6.06 -26.12
C LYS B 222 13.41 -5.39 -26.95
N GLU B 223 13.00 -4.51 -27.86
CA GLU B 223 13.94 -3.77 -28.70
C GLU B 223 14.86 -2.93 -27.82
N PHE B 224 14.24 -2.08 -27.01
CA PHE B 224 14.95 -1.21 -26.09
C PHE B 224 15.74 -2.07 -25.11
N LEU B 225 15.12 -3.18 -24.72
CA LEU B 225 15.73 -4.10 -23.78
C LEU B 225 17.02 -4.73 -24.31
N LYS B 226 16.95 -5.34 -25.48
CA LYS B 226 18.11 -5.96 -26.08
C LYS B 226 19.24 -4.94 -26.27
N LEU B 227 18.85 -3.68 -26.46
CA LEU B 227 19.80 -2.61 -26.64
C LEU B 227 20.70 -2.43 -25.41
N MET B 228 20.07 -2.39 -24.24
CA MET B 228 20.80 -2.22 -22.99
C MET B 228 21.68 -3.44 -22.71
N ILE B 229 21.12 -4.62 -22.94
CA ILE B 229 21.85 -5.85 -22.72
C ILE B 229 23.08 -5.94 -23.61
N GLU B 230 22.92 -5.52 -24.86
CA GLU B 230 24.01 -5.55 -25.82
C GLU B 230 25.07 -4.47 -25.59
N LYS B 231 24.64 -3.28 -25.21
CA LYS B 231 25.58 -2.18 -25.00
C LYS B 231 26.17 -2.14 -23.59
N ASN B 232 25.60 -2.93 -22.67
CA ASN B 232 26.10 -2.99 -21.30
C ASN B 232 25.87 -4.41 -20.79
N PRO B 233 26.55 -5.38 -21.40
CA PRO B 233 26.49 -6.82 -21.09
C PRO B 233 26.63 -7.19 -19.63
N PRO B 234 25.66 -7.97 -19.11
CA PRO B 234 25.65 -8.44 -17.72
C PRO B 234 26.40 -9.76 -17.65
N ASP B 235 26.64 -10.26 -16.45
CA ASP B 235 27.34 -11.53 -16.31
C ASP B 235 26.41 -12.65 -16.74
N GLU B 236 25.12 -12.36 -16.75
CA GLU B 236 24.14 -13.37 -17.12
C GLU B 236 22.74 -12.80 -17.34
N VAL B 237 21.99 -13.44 -18.20
CA VAL B 237 20.62 -13.03 -18.51
C VAL B 237 19.71 -14.23 -18.25
N LYS B 238 18.66 -14.03 -17.48
CA LYS B 238 17.73 -15.11 -17.19
C LYS B 238 16.35 -14.69 -17.64
N GLU B 239 15.48 -15.66 -17.90
CA GLU B 239 14.12 -15.35 -18.35
C GLU B 239 13.07 -15.94 -17.44
N ILE B 240 11.89 -15.35 -17.51
CA ILE B 240 10.74 -15.84 -16.77
C ILE B 240 9.61 -15.72 -17.78
N GLU B 241 9.12 -16.88 -18.20
CA GLU B 241 8.05 -16.95 -19.18
C GLU B 241 6.67 -16.65 -18.63
N GLY B 242 5.84 -16.03 -19.45
CA GLY B 242 4.48 -15.70 -19.06
C GLY B 242 4.35 -14.53 -18.09
N SER B 243 5.46 -13.84 -17.85
CA SER B 243 5.47 -12.71 -16.93
C SER B 243 5.23 -11.37 -17.63
N ASP B 244 4.44 -10.50 -17.00
CA ASP B 244 4.23 -9.17 -17.55
C ASP B 244 5.33 -8.34 -16.93
N HIS B 245 5.20 -7.02 -16.98
CA HIS B 245 6.21 -6.13 -16.44
C HIS B 245 6.45 -6.36 -14.93
N VAL B 246 5.36 -6.49 -14.16
CA VAL B 246 5.50 -6.73 -12.72
C VAL B 246 5.60 -8.20 -12.35
N THR B 247 6.73 -8.82 -12.71
CA THR B 247 6.99 -10.22 -12.43
C THR B 247 6.65 -10.62 -10.99
N MET B 248 6.93 -9.72 -10.03
CA MET B 248 6.67 -10.01 -8.61
C MET B 248 5.19 -10.22 -8.33
N MET B 249 4.35 -9.82 -9.28
CA MET B 249 2.89 -9.98 -9.15
C MET B 249 2.39 -11.17 -10.00
N SER B 250 2.82 -11.23 -11.26
CA SER B 250 2.37 -12.27 -12.15
C SER B 250 3.06 -13.63 -12.07
N LYS B 251 4.34 -13.64 -11.68
CA LYS B 251 5.12 -14.89 -11.56
C LYS B 251 6.02 -14.87 -10.34
N PRO B 252 5.43 -14.67 -9.15
CA PRO B 252 6.15 -14.61 -7.88
C PRO B 252 7.00 -15.81 -7.46
N GLN B 253 6.44 -17.01 -7.58
CA GLN B 253 7.17 -18.22 -7.22
C GLN B 253 8.40 -18.40 -8.12
N GLN B 254 8.20 -18.22 -9.41
CA GLN B 254 9.31 -18.35 -10.36
C GLN B 254 10.38 -17.29 -10.09
N LEU B 255 9.96 -16.06 -9.77
CA LEU B 255 10.93 -15.00 -9.50
C LEU B 255 11.69 -15.33 -8.21
N PHE B 256 10.97 -15.85 -7.22
CA PHE B 256 11.57 -16.21 -5.95
C PHE B 256 12.65 -17.28 -6.11
N THR B 257 12.35 -18.37 -6.80
CA THR B 257 13.33 -19.42 -6.98
C THR B 257 14.48 -18.95 -7.86
N THR B 258 14.20 -18.06 -8.81
CA THR B 258 15.24 -17.53 -9.67
C THR B 258 16.20 -16.68 -8.84
N LEU B 259 15.66 -15.96 -7.86
CA LEU B 259 16.48 -15.12 -7.00
C LEU B 259 17.33 -15.95 -6.04
N LEU B 260 16.75 -17.01 -5.48
CA LEU B 260 17.52 -17.86 -4.57
C LEU B 260 18.68 -18.49 -5.35
N SER B 261 18.41 -18.92 -6.57
CA SER B 261 19.42 -19.55 -7.41
C SER B 261 20.55 -18.58 -7.72
N ILE B 262 20.18 -17.35 -8.03
CA ILE B 262 21.16 -16.30 -8.35
C ILE B 262 22.00 -16.01 -7.11
N ALA B 263 21.34 -15.97 -5.95
CA ALA B 263 22.00 -15.68 -4.69
C ALA B 263 23.04 -16.76 -4.40
N ASN B 264 22.65 -18.01 -4.57
CA ASN B 264 23.53 -19.14 -4.34
C ASN B 264 24.74 -19.13 -5.27
N LYS B 265 24.48 -18.86 -6.56
CA LYS B 265 25.56 -18.85 -7.54
C LYS B 265 26.64 -17.80 -7.33
N TYR B 266 26.26 -16.60 -6.90
CA TYR B 266 27.24 -15.53 -6.70
C TYR B 266 27.63 -15.25 -5.25
N LYS B 267 27.30 -16.14 -4.32
CA LYS B 267 27.67 -15.91 -2.94
C LYS B 267 29.16 -16.17 -2.75
#